data_3GD9
#
_entry.id   3GD9
#
_cell.length_a   45.981
_cell.length_b   60.352
_cell.length_c   149.118
_cell.angle_alpha   90.00
_cell.angle_beta   90.00
_cell.angle_gamma   90.00
#
_symmetry.space_group_name_H-M   'P 21 21 21'
#
loop_
_entity.id
_entity.type
_entity.pdbx_description
1 polymer 'Laminaripentaose-producing beta-1,3-guluase (LPHase)'
2 branched beta-D-glucopyranose-(1-3)-beta-D-glucopyranose-(1-3)-beta-D-glucopyranose-(1-3)-alpha-D-glucopyranose
3 water water
#
_entity_poly.entity_id   1
_entity_poly.type   'polypeptide(L)'
_entity_poly.pdbx_seq_one_letter_code
;MAVPATIPLTITNNSGRAEQIHIYNLGTELSSGRQGWADASGAFHPWPAGGNPPTPAPDASIPGPAPGRSTTIQIPKFSG
RIYFSYGRKMEFRLTTGGLVQPAVQNPTDPNRDILFNWSEYTLNDSGLWINSTQVDMFSAPYTVGVRRGDGTTLSTGKLR
PGGYNGVFNALRGQSGGWANLIQTRSDGTVLRALSPLYGVETGALPASVMDDYINRVWNKYTGTDLIVTPFADRPDVRYT
GRVSGGVLRFTDGSGAVVTTFQKPDASSVFGCHRLLDAPNDQVRGPISRTLCAGFNRTTLLANPHQPDRSAAGFYQEPVT
NHYARIIHAHMADGKAYGFAFDDVGHHESLVHDGDPRGASLTLDPFD
;
_entity_poly.pdbx_strand_id   A
#
# COMPACT_ATOMS: atom_id res chain seq x y z
N VAL A 3 -17.63 18.42 -8.89
CA VAL A 3 -17.75 16.93 -8.75
C VAL A 3 -19.12 16.62 -8.17
N PRO A 4 -19.87 15.73 -8.82
CA PRO A 4 -21.23 15.39 -8.36
C PRO A 4 -21.20 14.64 -7.03
N ALA A 5 -22.36 14.51 -6.39
CA ALA A 5 -22.45 13.85 -5.10
C ALA A 5 -21.93 12.39 -5.15
N THR A 6 -22.21 11.72 -6.26
CA THR A 6 -21.72 10.34 -6.47
C THR A 6 -21.19 10.18 -7.90
N ILE A 7 -20.28 9.23 -8.08
CA ILE A 7 -19.90 8.78 -9.42
C ILE A 7 -20.02 7.26 -9.50
N PRO A 8 -20.29 6.73 -10.68
CA PRO A 8 -20.41 5.28 -10.83
C PRO A 8 -19.09 4.55 -10.75
N LEU A 9 -19.04 3.49 -9.94
CA LEU A 9 -17.91 2.56 -9.92
C LEU A 9 -18.34 1.28 -10.61
N THR A 10 -17.72 0.98 -11.74
CA THR A 10 -18.02 -0.27 -12.43
C THR A 10 -17.09 -1.38 -11.91
N ILE A 11 -17.70 -2.43 -11.37
CA ILE A 11 -16.96 -3.58 -10.87
C ILE A 11 -17.14 -4.77 -11.80
N THR A 12 -16.04 -5.25 -12.35
CA THR A 12 -16.09 -6.32 -13.38
C THR A 12 -15.42 -7.57 -12.87
N ASN A 13 -16.10 -8.71 -13.00
CA ASN A 13 -15.52 -9.97 -12.52
C ASN A 13 -14.82 -10.75 -13.64
N ASN A 14 -13.50 -10.54 -13.78
CA ASN A 14 -12.71 -11.33 -14.73
C ASN A 14 -11.85 -12.39 -14.04
N SER A 15 -12.27 -12.80 -12.84
CA SER A 15 -11.43 -13.63 -11.98
C SER A 15 -11.26 -15.06 -12.53
N GLY A 16 -12.22 -15.50 -13.33
CA GLY A 16 -12.29 -16.89 -13.78
C GLY A 16 -12.70 -17.85 -12.67
N ARG A 17 -13.19 -17.31 -11.55
CA ARG A 17 -13.52 -18.13 -10.39
C ARG A 17 -15.02 -18.25 -10.25
N ALA A 18 -15.48 -19.35 -9.65
CA ALA A 18 -16.91 -19.61 -9.59
C ALA A 18 -17.61 -18.97 -8.37
N GLU A 19 -16.84 -18.60 -7.34
CA GLU A 19 -17.45 -18.08 -6.08
C GLU A 19 -18.24 -16.79 -6.28
N GLN A 20 -19.29 -16.61 -5.49
CA GLN A 20 -19.99 -15.35 -5.43
C GLN A 20 -19.05 -14.31 -4.80
N ILE A 21 -19.24 -13.05 -5.20
CA ILE A 21 -18.40 -11.94 -4.72
C ILE A 21 -19.20 -11.08 -3.77
N HIS A 22 -18.58 -10.70 -2.65
CA HIS A 22 -19.18 -9.73 -1.73
C HIS A 22 -18.36 -8.46 -1.78
N ILE A 23 -19.02 -7.33 -1.92
CA ILE A 23 -18.33 -6.05 -2.00
C ILE A 23 -18.66 -5.25 -0.75
N TYR A 24 -17.66 -4.53 -0.21
CA TYR A 24 -17.91 -3.62 0.91
C TYR A 24 -17.31 -2.27 0.58
N ASN A 25 -18.08 -1.22 0.80
CA ASN A 25 -17.57 0.14 0.59
C ASN A 25 -17.56 0.83 1.94
N LEU A 26 -16.38 0.83 2.57
CA LEU A 26 -16.27 1.19 3.99
C LEU A 26 -15.35 2.38 4.17
N GLY A 27 -15.79 3.38 4.90
CA GLY A 27 -14.93 4.53 5.09
C GLY A 27 -15.55 5.63 5.88
N THR A 28 -15.25 6.87 5.49
CA THR A 28 -15.68 8.05 6.23
C THR A 28 -16.41 8.98 5.29
N GLU A 29 -17.59 9.44 5.70
CA GLU A 29 -18.41 10.32 4.87
C GLU A 29 -17.84 11.74 4.92
N LEU A 30 -17.63 12.35 3.77
CA LEU A 30 -17.00 13.68 3.71
C LEU A 30 -17.79 14.75 4.46
N SER A 31 -19.09 14.82 4.21
CA SER A 31 -19.89 15.94 4.71
C SER A 31 -19.94 15.94 6.26
N SER A 32 -20.08 14.74 6.84
CA SER A 32 -20.33 14.59 8.29
C SER A 32 -19.07 14.17 9.06
N GLY A 33 -18.09 13.60 8.37
CA GLY A 33 -16.93 13.03 9.02
C GLY A 33 -17.21 11.74 9.78
N ARG A 34 -18.42 11.19 9.62
CA ARG A 34 -18.76 9.93 10.30
C ARG A 34 -18.24 8.69 9.56
N GLN A 35 -17.91 7.65 10.31
CA GLN A 35 -17.53 6.36 9.71
C GLN A 35 -18.76 5.52 9.46
N GLY A 36 -18.74 4.79 8.35
CA GLY A 36 -19.80 3.85 8.05
C GLY A 36 -19.57 3.22 6.72
N TRP A 37 -20.65 2.84 6.07
CA TRP A 37 -20.58 2.13 4.81
C TRP A 37 -21.56 2.74 3.84
N ALA A 38 -21.36 2.49 2.55
CA ALA A 38 -22.30 2.97 1.54
C ALA A 38 -22.85 1.76 0.82
N ASP A 39 -24.13 1.81 0.48
CA ASP A 39 -24.74 0.75 -0.29
C ASP A 39 -24.61 0.99 -1.80
N ALA A 40 -25.22 0.12 -2.60
CA ALA A 40 -25.03 0.20 -4.06
C ALA A 40 -25.51 1.52 -4.63
N SER A 41 -26.56 2.09 -4.00
CA SER A 41 -27.10 3.39 -4.42
C SER A 41 -26.22 4.57 -4.06
N GLY A 42 -25.23 4.34 -3.19
CA GLY A 42 -24.34 5.40 -2.75
C GLY A 42 -24.79 6.03 -1.43
N ALA A 43 -25.92 5.55 -0.93
CA ALA A 43 -26.45 6.03 0.36
C ALA A 43 -25.56 5.62 1.53
N PHE A 44 -25.34 6.55 2.46
CA PHE A 44 -24.41 6.34 3.58
C PHE A 44 -25.13 5.82 4.82
N HIS A 45 -24.50 4.84 5.49
CA HIS A 45 -25.06 4.25 6.70
C HIS A 45 -23.99 4.31 7.76
N PRO A 46 -24.15 5.17 8.77
CA PRO A 46 -23.12 5.22 9.81
C PRO A 46 -23.07 3.92 10.61
N TRP A 47 -21.87 3.51 11.02
CA TRP A 47 -21.75 2.38 11.90
C TRP A 47 -22.49 2.66 13.20
N PRO A 48 -23.07 1.62 13.79
CA PRO A 48 -23.53 1.79 15.17
C PRO A 48 -22.34 1.94 16.11
N ALA A 49 -22.60 2.38 17.34
CA ALA A 49 -21.54 2.58 18.33
C ALA A 49 -20.78 1.27 18.62
N GLY A 50 -19.46 1.36 18.67
CA GLY A 50 -18.60 0.17 18.87
C GLY A 50 -18.24 0.04 20.35
N GLY A 51 -17.20 -0.71 20.64
CA GLY A 51 -16.85 -1.02 22.01
C GLY A 51 -15.38 -1.27 22.24
N ASN A 52 -15.01 -1.35 23.51
CA ASN A 52 -13.73 -1.87 23.88
C ASN A 52 -13.97 -2.92 24.93
N PRO A 53 -13.82 -4.21 24.56
CA PRO A 53 -13.31 -4.69 23.26
C PRO A 53 -14.29 -4.52 22.10
N PRO A 54 -13.79 -4.55 20.87
CA PRO A 54 -14.62 -4.28 19.70
C PRO A 54 -15.73 -5.27 19.53
N THR A 55 -16.84 -4.81 18.97
CA THR A 55 -18.03 -5.63 18.83
C THR A 55 -18.34 -5.77 17.33
N PRO A 56 -19.19 -6.74 16.95
CA PRO A 56 -19.42 -7.05 15.52
C PRO A 56 -20.12 -5.94 14.76
N ALA A 57 -19.67 -5.71 13.53
CA ALA A 57 -20.30 -4.72 12.66
C ALA A 57 -21.50 -5.37 12.01
N PRO A 58 -22.53 -4.57 11.68
CA PRO A 58 -23.59 -5.12 10.87
C PRO A 58 -23.08 -5.51 9.48
N ASP A 59 -23.87 -6.31 8.77
CA ASP A 59 -23.50 -6.82 7.44
C ASP A 59 -23.62 -5.72 6.40
N ALA A 60 -22.47 -5.21 5.95
CA ALA A 60 -22.43 -4.09 5.01
C ALA A 60 -22.15 -4.55 3.57
N SER A 61 -22.26 -5.85 3.32
CA SER A 61 -21.97 -6.40 1.99
C SER A 61 -22.98 -5.96 0.94
N ILE A 62 -22.47 -5.79 -0.29
CA ILE A 62 -23.22 -5.57 -1.51
C ILE A 62 -22.87 -6.73 -2.43
N PRO A 63 -23.87 -7.32 -3.08
CA PRO A 63 -23.57 -8.41 -4.00
C PRO A 63 -22.71 -7.92 -5.17
N GLY A 64 -21.61 -8.62 -5.41
CA GLY A 64 -20.69 -8.25 -6.45
C GLY A 64 -21.03 -8.93 -7.77
N PRO A 65 -20.27 -8.62 -8.81
CA PRO A 65 -20.56 -9.17 -10.14
C PRO A 65 -20.29 -10.65 -10.27
N ALA A 66 -21.17 -11.33 -10.98
CA ALA A 66 -20.93 -12.70 -11.34
C ALA A 66 -19.83 -12.79 -12.42
N PRO A 67 -19.21 -13.98 -12.58
CA PRO A 67 -18.05 -14.12 -13.48
C PRO A 67 -18.43 -13.75 -14.92
N GLY A 68 -17.61 -12.92 -15.55
CA GLY A 68 -17.87 -12.47 -16.90
C GLY A 68 -18.81 -11.30 -17.00
N ARG A 69 -19.32 -10.83 -15.85
CA ARG A 69 -20.26 -9.70 -15.84
C ARG A 69 -19.69 -8.54 -14.99
N SER A 70 -20.35 -7.39 -15.08
CA SER A 70 -20.03 -6.24 -14.23
C SER A 70 -21.27 -5.78 -13.48
N THR A 71 -21.05 -5.07 -12.40
CA THR A 71 -22.12 -4.41 -11.67
C THR A 71 -21.64 -3.00 -11.37
N THR A 72 -22.57 -2.08 -11.15
CA THR A 72 -22.19 -0.70 -10.87
C THR A 72 -22.67 -0.30 -9.50
N ILE A 73 -21.79 0.30 -8.72
CA ILE A 73 -22.25 0.94 -7.50
C ILE A 73 -21.96 2.42 -7.59
N GLN A 74 -22.73 3.21 -6.85
CA GLN A 74 -22.43 4.65 -6.79
C GLN A 74 -21.53 4.94 -5.61
N ILE A 75 -20.45 5.67 -5.87
CA ILE A 75 -19.51 6.08 -4.82
C ILE A 75 -19.80 7.50 -4.43
N PRO A 76 -20.10 7.75 -3.14
CA PRO A 76 -20.31 9.12 -2.71
C PRO A 76 -18.99 9.78 -2.32
N LYS A 77 -19.04 11.07 -1.96
CA LYS A 77 -17.85 11.72 -1.44
C LYS A 77 -17.52 11.16 -0.06
N PHE A 78 -16.37 10.51 0.00
CA PHE A 78 -16.15 9.40 0.90
C PHE A 78 -14.65 9.12 0.79
N SER A 79 -14.05 8.69 1.87
CA SER A 79 -12.67 8.24 1.82
C SER A 79 -12.61 6.91 2.53
N GLY A 80 -12.08 5.91 1.85
CA GLY A 80 -12.13 4.58 2.41
C GLY A 80 -11.59 3.51 1.49
N ARG A 81 -12.20 2.33 1.58
CA ARG A 81 -11.76 1.15 0.86
C ARG A 81 -12.94 0.50 0.18
N ILE A 82 -12.70 -0.06 -1.00
CA ILE A 82 -13.62 -1.00 -1.57
C ILE A 82 -13.05 -2.38 -1.34
N TYR A 83 -13.67 -3.17 -0.49
CA TYR A 83 -13.23 -4.56 -0.26
C TYR A 83 -13.98 -5.47 -1.18
N PHE A 84 -13.36 -6.56 -1.59
CA PHE A 84 -14.09 -7.64 -2.23
C PHE A 84 -13.61 -8.98 -1.69
N SER A 85 -14.55 -9.90 -1.44
CA SER A 85 -14.21 -11.20 -0.94
C SER A 85 -14.87 -12.28 -1.78
N TYR A 86 -14.22 -13.43 -1.86
CA TYR A 86 -14.66 -14.56 -2.68
C TYR A 86 -15.34 -15.59 -1.80
N GLY A 87 -16.62 -15.81 -2.01
CA GLY A 87 -17.34 -16.90 -1.35
C GLY A 87 -17.82 -16.45 0.03
N ARG A 88 -16.87 -16.28 0.93
CA ARG A 88 -17.20 -15.97 2.30
C ARG A 88 -17.34 -14.51 2.53
N LYS A 89 -18.28 -14.16 3.38
CA LYS A 89 -18.38 -12.79 3.87
C LYS A 89 -17.28 -12.45 4.85
N MET A 90 -16.89 -11.18 4.88
CA MET A 90 -15.88 -10.72 5.81
C MET A 90 -16.50 -10.44 7.16
N GLU A 91 -15.67 -10.50 8.21
CA GLU A 91 -16.08 -10.16 9.56
C GLU A 91 -15.40 -8.86 9.99
N PHE A 92 -16.18 -7.82 10.19
CA PHE A 92 -15.63 -6.56 10.63
C PHE A 92 -16.11 -6.29 12.05
N ARG A 93 -15.29 -5.59 12.81
CA ARG A 93 -15.63 -5.24 14.18
C ARG A 93 -15.46 -3.76 14.42
N LEU A 94 -16.10 -3.26 15.47
CA LEU A 94 -16.20 -1.84 15.71
C LEU A 94 -15.62 -1.51 17.08
N THR A 95 -14.63 -0.65 17.10
CA THR A 95 -14.04 -0.18 18.35
C THR A 95 -14.68 1.14 18.75
N THR A 96 -14.22 1.72 19.85
CA THR A 96 -14.76 2.97 20.36
C THR A 96 -14.73 4.02 19.28
N GLY A 97 -13.63 4.03 18.53
CA GLY A 97 -13.39 5.07 17.54
C GLY A 97 -13.85 4.73 16.14
N GLY A 98 -14.41 3.53 15.97
CA GLY A 98 -14.98 3.14 14.68
C GLY A 98 -14.48 1.80 14.16
N LEU A 99 -14.30 1.70 12.86
CA LEU A 99 -14.04 0.41 12.22
C LEU A 99 -12.62 -0.11 12.54
N VAL A 100 -12.52 -1.39 12.88
CA VAL A 100 -11.21 -2.04 13.02
C VAL A 100 -10.83 -2.65 11.69
N GLN A 101 -9.66 -2.30 11.15
CA GLN A 101 -9.20 -2.90 9.92
C GLN A 101 -8.72 -4.35 10.16
N PRO A 102 -8.90 -5.23 9.15
CA PRO A 102 -8.45 -6.61 9.30
C PRO A 102 -6.94 -6.65 9.53
N ALA A 103 -6.48 -7.67 10.23
CA ALA A 103 -5.08 -7.78 10.55
C ALA A 103 -4.71 -9.25 10.36
N VAL A 104 -4.60 -9.67 9.10
CA VAL A 104 -4.49 -11.09 8.82
C VAL A 104 -3.08 -11.66 9.06
N GLN A 105 -2.15 -10.80 9.47
CA GLN A 105 -0.88 -11.31 10.02
C GLN A 105 -1.11 -12.08 11.33
N ASN A 106 -2.28 -11.86 11.91
CA ASN A 106 -2.65 -12.58 13.11
C ASN A 106 -3.40 -13.86 12.77
N PRO A 107 -2.84 -15.02 13.20
CA PRO A 107 -3.45 -16.32 12.98
C PRO A 107 -4.91 -16.37 13.44
N THR A 108 -5.27 -15.55 14.43
CA THR A 108 -6.62 -15.58 14.99
C THR A 108 -7.55 -14.54 14.36
N ASP A 109 -7.05 -13.76 13.40
CA ASP A 109 -7.96 -12.77 12.77
C ASP A 109 -9.15 -13.53 12.14
N PRO A 110 -10.39 -13.02 12.33
CA PRO A 110 -11.60 -13.66 11.79
C PRO A 110 -11.57 -13.83 10.27
N ASN A 111 -10.75 -13.03 9.58
CA ASN A 111 -10.66 -13.04 8.13
C ASN A 111 -9.43 -13.75 7.59
N ARG A 112 -8.68 -14.42 8.48
CA ARG A 112 -7.41 -15.05 8.08
C ARG A 112 -7.61 -16.02 6.93
N ASP A 113 -8.69 -16.77 6.93
CA ASP A 113 -8.87 -17.82 5.95
C ASP A 113 -9.71 -17.37 4.76
N ILE A 114 -10.10 -16.10 4.74
CA ILE A 114 -10.97 -15.60 3.67
C ILE A 114 -10.10 -15.00 2.55
N LEU A 115 -10.45 -15.32 1.31
CA LEU A 115 -9.80 -14.77 0.16
C LEU A 115 -10.43 -13.40 -0.19
N PHE A 116 -9.68 -12.33 0.05
CA PHE A 116 -10.21 -10.98 -0.12
C PHE A 116 -9.10 -9.99 -0.49
N ASN A 117 -9.49 -8.83 -0.99
CA ASN A 117 -8.57 -7.73 -1.10
C ASN A 117 -9.32 -6.43 -1.02
N TRP A 118 -8.60 -5.33 -1.09
CA TRP A 118 -9.24 -4.03 -1.13
C TRP A 118 -8.47 -3.07 -1.96
N SER A 119 -9.19 -2.07 -2.47
CA SER A 119 -8.61 -0.87 -3.09
C SER A 119 -8.89 0.31 -2.18
N GLU A 120 -8.03 1.32 -2.24
CA GLU A 120 -8.20 2.51 -1.39
C GLU A 120 -8.59 3.66 -2.28
N TYR A 121 -9.56 4.45 -1.85
CA TYR A 121 -9.97 5.62 -2.66
C TYR A 121 -10.39 6.78 -1.80
N THR A 122 -10.27 7.98 -2.39
CA THR A 122 -10.92 9.17 -1.84
C THR A 122 -11.65 9.89 -2.98
N LEU A 123 -12.93 10.19 -2.77
CA LEU A 123 -13.65 11.07 -3.68
C LEU A 123 -14.08 12.31 -2.88
N ASN A 124 -13.69 13.47 -3.35
CA ASN A 124 -14.09 14.72 -2.69
C ASN A 124 -14.29 15.83 -3.69
N ASP A 125 -14.37 17.08 -3.20
CA ASP A 125 -14.68 18.20 -4.09
C ASP A 125 -13.56 18.42 -5.14
N SER A 126 -12.38 17.88 -4.87
CA SER A 126 -11.20 18.07 -5.75
C SER A 126 -10.98 16.91 -6.71
N GLY A 127 -11.83 15.89 -6.63
CA GLY A 127 -11.78 14.79 -7.60
C GLY A 127 -11.67 13.41 -6.93
N LEU A 128 -11.13 12.46 -7.69
CA LEU A 128 -10.97 11.09 -7.24
C LEU A 128 -9.51 10.68 -7.23
N TRP A 129 -9.10 10.02 -6.14
CA TRP A 129 -7.83 9.26 -6.08
C TRP A 129 -8.18 7.82 -5.80
N ILE A 130 -7.62 6.88 -6.57
CA ILE A 130 -7.91 5.47 -6.35
C ILE A 130 -6.66 4.64 -6.62
N ASN A 131 -6.39 3.68 -5.74
CA ASN A 131 -5.13 2.97 -5.78
C ASN A 131 -5.27 1.46 -5.70
N SER A 132 -4.25 0.79 -6.21
CA SER A 132 -3.99 -0.60 -5.98
C SER A 132 -2.87 -0.59 -4.91
N THR A 133 -2.99 -1.42 -3.89
CA THR A 133 -1.97 -1.42 -2.85
C THR A 133 -1.54 -2.80 -2.46
N GLN A 134 -0.25 -2.93 -2.15
CA GLN A 134 0.30 -4.17 -1.62
C GLN A 134 1.02 -3.89 -0.32
N VAL A 135 0.72 -2.77 0.32
CA VAL A 135 1.49 -2.37 1.52
C VAL A 135 1.30 -3.36 2.66
N ASP A 136 0.14 -3.96 2.75
CA ASP A 136 -0.13 -4.94 3.81
C ASP A 136 0.08 -6.39 3.35
N MET A 137 -0.28 -6.68 2.10
CA MET A 137 -0.26 -8.06 1.60
C MET A 137 -0.35 -8.08 0.09
N PHE A 138 -0.05 -9.23 -0.48
CA PHE A 138 -0.23 -9.46 -1.90
C PHE A 138 -1.21 -10.62 -2.02
N SER A 139 -2.37 -10.35 -2.62
CA SER A 139 -3.45 -11.33 -2.67
C SER A 139 -4.33 -11.08 -3.86
N ALA A 140 -5.60 -11.51 -3.77
CA ALA A 140 -6.50 -11.55 -4.96
C ALA A 140 -6.29 -10.33 -5.85
N PRO A 141 -5.91 -10.55 -7.11
CA PRO A 141 -5.44 -9.42 -7.91
C PRO A 141 -6.58 -8.57 -8.46
N TYR A 142 -6.27 -7.31 -8.74
CA TYR A 142 -7.28 -6.38 -9.24
C TYR A 142 -6.65 -5.16 -9.92
N THR A 143 -7.44 -4.51 -10.76
CA THR A 143 -7.03 -3.29 -11.47
C THR A 143 -8.02 -2.19 -11.13
N VAL A 144 -7.51 -0.97 -10.93
CA VAL A 144 -8.39 0.15 -10.69
C VAL A 144 -8.22 1.15 -11.80
N GLY A 145 -9.27 1.94 -12.03
CA GLY A 145 -9.24 2.92 -13.10
C GLY A 145 -10.12 4.12 -12.85
N VAL A 146 -9.84 5.19 -13.57
CA VAL A 146 -10.68 6.36 -13.53
C VAL A 146 -11.04 6.76 -14.95
N ARG A 147 -12.29 7.15 -15.15
CA ARG A 147 -12.71 7.85 -16.37
C ARG A 147 -12.67 9.34 -16.10
N ARG A 148 -11.80 10.02 -16.81
CA ARG A 148 -11.50 11.40 -16.52
C ARG A 148 -12.53 12.32 -17.15
N GLY A 149 -12.53 13.58 -16.72
CA GLY A 149 -13.42 14.60 -17.27
C GLY A 149 -13.43 14.67 -18.79
N ASP A 150 -12.26 14.55 -19.41
CA ASP A 150 -12.15 14.63 -20.89
C ASP A 150 -12.54 13.33 -21.61
N GLY A 151 -12.93 12.32 -20.83
CA GLY A 151 -13.35 11.04 -21.41
C GLY A 151 -12.25 9.97 -21.43
N THR A 152 -10.99 10.41 -21.30
CA THR A 152 -9.86 9.46 -21.32
C THR A 152 -9.86 8.62 -20.04
N THR A 153 -9.27 7.43 -20.13
CA THR A 153 -9.18 6.53 -18.99
C THR A 153 -7.75 6.37 -18.52
N LEU A 154 -7.59 6.13 -17.22
CA LEU A 154 -6.30 5.75 -16.68
C LEU A 154 -6.55 4.51 -15.83
N SER A 155 -5.65 3.54 -15.89
CA SER A 155 -5.79 2.40 -14.97
C SER A 155 -4.44 1.93 -14.49
N THR A 156 -4.45 1.17 -13.41
CA THR A 156 -3.21 0.67 -12.85
C THR A 156 -3.52 -0.51 -11.94
N GLY A 157 -2.49 -1.26 -11.56
CA GLY A 157 -2.65 -2.37 -10.62
C GLY A 157 -2.58 -3.72 -11.32
N LYS A 158 -2.63 -3.70 -12.67
CA LYS A 158 -2.71 -4.94 -13.44
C LYS A 158 -1.39 -5.70 -13.47
N LEU A 159 -1.45 -6.99 -13.16
CA LEU A 159 -0.26 -7.84 -13.27
C LEU A 159 -0.03 -8.29 -14.69
N ARG A 160 1.24 -8.54 -15.00
CA ARG A 160 1.61 -9.20 -16.23
C ARG A 160 1.02 -10.61 -16.31
N PRO A 161 0.93 -11.16 -17.54
CA PRO A 161 0.56 -12.58 -17.63
C PRO A 161 1.48 -13.46 -16.78
N GLY A 162 0.87 -14.36 -15.99
CA GLY A 162 1.60 -15.22 -15.06
C GLY A 162 2.12 -14.50 -13.84
N GLY A 163 1.77 -13.22 -13.72
CA GLY A 163 2.35 -12.35 -12.70
C GLY A 163 1.94 -12.75 -11.30
N TYR A 164 0.73 -13.31 -11.17
CA TYR A 164 0.23 -13.64 -9.82
C TYR A 164 1.05 -14.78 -9.22
N ASN A 165 1.06 -15.91 -9.89
CA ASN A 165 1.88 -17.02 -9.45
C ASN A 165 3.36 -16.70 -9.48
N GLY A 166 3.77 -15.87 -10.44
CA GLY A 166 5.18 -15.41 -10.54
C GLY A 166 5.69 -14.76 -9.27
N VAL A 167 4.88 -13.87 -8.71
CA VAL A 167 5.23 -13.26 -7.44
C VAL A 167 5.42 -14.28 -6.31
N PHE A 168 4.48 -15.21 -6.15
CA PHE A 168 4.63 -16.20 -5.09
C PHE A 168 5.86 -17.08 -5.30
N ASN A 169 6.08 -17.49 -6.54
CA ASN A 169 7.16 -18.39 -6.83
C ASN A 169 8.49 -17.70 -6.56
N ALA A 170 8.56 -16.41 -6.86
CA ALA A 170 9.78 -15.64 -6.62
C ALA A 170 10.03 -15.42 -5.12
N LEU A 171 8.95 -15.18 -4.37
CA LEU A 171 9.06 -15.03 -2.92
C LEU A 171 9.53 -16.31 -2.26
N ARG A 172 8.94 -17.42 -2.66
CA ARG A 172 9.29 -18.70 -2.07
C ARG A 172 10.77 -19.03 -2.25
N GLY A 173 11.31 -18.68 -3.42
CA GLY A 173 12.73 -18.92 -3.73
C GLY A 173 13.71 -17.88 -3.19
N GLN A 174 13.22 -16.86 -2.47
CA GLN A 174 14.12 -15.86 -1.88
C GLN A 174 14.55 -16.26 -0.47
N SER A 175 15.83 -16.58 -0.28
CA SER A 175 16.27 -17.09 1.02
C SER A 175 16.28 -15.98 2.07
N GLY A 176 16.20 -16.37 3.34
CA GLY A 176 16.29 -15.41 4.44
C GLY A 176 15.01 -15.29 5.27
N GLY A 177 13.93 -15.86 4.77
CA GLY A 177 12.66 -15.85 5.50
C GLY A 177 11.47 -15.37 4.68
N TRP A 178 11.74 -14.85 3.49
CA TRP A 178 10.69 -14.36 2.60
C TRP A 178 9.64 -15.43 2.31
N ALA A 179 10.05 -16.70 2.30
CA ALA A 179 9.11 -17.79 2.04
C ALA A 179 8.06 -17.91 3.14
N ASN A 180 8.42 -17.52 4.35
CA ASN A 180 7.51 -17.57 5.48
C ASN A 180 6.55 -16.39 5.47
N LEU A 181 6.62 -15.57 4.42
CA LEU A 181 5.59 -14.50 4.24
C LEU A 181 4.32 -15.10 3.63
N ILE A 182 4.46 -16.27 3.00
CA ILE A 182 3.36 -16.91 2.25
C ILE A 182 2.44 -17.62 3.21
N GLN A 183 1.17 -17.27 3.11
CA GLN A 183 0.11 -18.00 3.81
C GLN A 183 -0.58 -18.94 2.83
N THR A 184 -0.45 -20.25 3.09
CA THR A 184 -0.82 -21.32 2.14
C THR A 184 -1.94 -22.16 2.74
N ARG A 185 -2.93 -22.49 1.93
CA ARG A 185 -4.05 -23.35 2.37
C ARG A 185 -3.58 -24.78 2.63
N SER A 186 -4.44 -25.55 3.29
CA SER A 186 -4.20 -26.97 3.51
C SER A 186 -3.93 -27.75 2.22
N ASP A 187 -4.75 -27.53 1.19
CA ASP A 187 -4.54 -28.23 -0.08
C ASP A 187 -3.41 -27.60 -0.91
N GLY A 188 -2.61 -26.77 -0.25
CA GLY A 188 -1.39 -26.20 -0.86
C GLY A 188 -1.66 -24.92 -1.66
N THR A 189 -2.93 -24.51 -1.69
CA THR A 189 -3.34 -23.29 -2.40
C THR A 189 -2.81 -22.07 -1.65
N VAL A 190 -2.13 -21.18 -2.35
CA VAL A 190 -1.74 -19.93 -1.71
C VAL A 190 -2.94 -19.00 -1.48
N LEU A 191 -2.96 -18.32 -0.33
CA LEU A 191 -3.97 -17.31 -0.02
C LEU A 191 -3.44 -15.90 -0.27
N ARG A 192 -2.29 -15.62 0.31
CA ARG A 192 -1.69 -14.28 0.25
C ARG A 192 -0.22 -14.36 0.68
N ALA A 193 0.53 -13.32 0.38
CA ALA A 193 1.83 -13.13 1.02
C ALA A 193 1.76 -11.86 1.80
N LEU A 194 2.22 -11.91 3.04
CA LEU A 194 2.31 -10.71 3.87
C LEU A 194 3.45 -9.83 3.36
N SER A 195 3.29 -8.51 3.50
CA SER A 195 4.43 -7.61 3.27
C SER A 195 5.49 -7.81 4.35
N PRO A 196 6.73 -7.37 4.08
CA PRO A 196 7.82 -7.66 5.02
C PRO A 196 7.69 -6.98 6.38
N LEU A 197 6.95 -5.87 6.46
CA LEU A 197 6.67 -5.28 7.79
C LEU A 197 5.97 -6.32 8.67
N TYR A 198 4.98 -6.98 8.10
CA TYR A 198 4.27 -8.01 8.84
C TYR A 198 5.04 -9.29 8.95
N GLY A 199 5.95 -9.52 8.01
CA GLY A 199 6.97 -10.57 8.15
C GLY A 199 7.88 -10.40 9.36
N VAL A 200 8.31 -9.18 9.64
CA VAL A 200 9.07 -8.93 10.87
C VAL A 200 8.21 -9.18 12.11
N GLU A 201 6.94 -8.73 12.06
CA GLU A 201 6.00 -8.93 13.19
C GLU A 201 5.73 -10.41 13.48
N THR A 202 5.63 -11.23 12.43
CA THR A 202 5.32 -12.65 12.60
C THR A 202 6.55 -13.49 12.86
N GLY A 203 7.73 -12.88 12.66
CA GLY A 203 9.01 -13.59 12.83
C GLY A 203 9.48 -14.29 11.57
N ALA A 204 8.82 -14.01 10.44
CA ALA A 204 9.31 -14.54 9.15
C ALA A 204 10.68 -13.95 8.79
N LEU A 205 10.88 -12.67 9.11
CA LEU A 205 12.13 -11.96 8.87
C LEU A 205 12.64 -11.40 10.21
N PRO A 206 13.97 -11.43 10.42
CA PRO A 206 14.55 -10.88 11.66
C PRO A 206 14.62 -9.36 11.66
N ALA A 207 14.63 -8.77 12.86
CA ALA A 207 14.77 -7.32 13.01
C ALA A 207 16.05 -6.84 12.34
N SER A 208 17.00 -7.75 12.18
CA SER A 208 18.35 -7.38 11.74
C SER A 208 18.60 -7.55 10.24
N VAL A 209 17.56 -7.87 9.47
CA VAL A 209 17.78 -8.34 8.09
C VAL A 209 18.49 -7.27 7.21
N MET A 210 18.27 -6.01 7.54
CA MET A 210 18.94 -4.94 6.78
C MET A 210 20.17 -4.29 7.46
N ASP A 211 20.65 -4.91 8.54
CA ASP A 211 21.68 -4.25 9.39
C ASP A 211 22.97 -3.98 8.64
N ASP A 212 23.40 -4.96 7.86
CA ASP A 212 24.65 -4.86 7.10
C ASP A 212 24.60 -3.67 6.09
N TYR A 213 23.49 -3.55 5.36
CA TYR A 213 23.30 -2.43 4.44
C TYR A 213 23.23 -1.10 5.18
N ILE A 214 22.42 -1.06 6.24
CA ILE A 214 22.30 0.13 7.05
C ILE A 214 23.66 0.58 7.63
N ASN A 215 24.48 -0.38 8.07
CA ASN A 215 25.80 0.01 8.57
C ASN A 215 26.68 0.59 7.49
N ARG A 216 26.53 0.09 6.28
CA ARG A 216 27.30 0.62 5.14
C ARG A 216 26.88 2.05 4.76
N VAL A 217 25.58 2.33 4.84
CA VAL A 217 25.06 3.67 4.65
C VAL A 217 25.56 4.63 5.74
N TRP A 218 25.49 4.21 6.98
CA TRP A 218 25.90 5.07 8.05
C TRP A 218 27.41 5.34 8.00
N ASN A 219 28.19 4.33 7.61
CA ASN A 219 29.62 4.54 7.30
C ASN A 219 29.87 5.54 6.18
N LYS A 220 29.24 5.31 5.03
CA LYS A 220 29.41 6.21 3.90
C LYS A 220 29.16 7.68 4.29
N TYR A 221 28.05 7.92 4.98
CA TYR A 221 27.64 9.30 5.26
C TYR A 221 28.18 9.85 6.57
N THR A 222 29.16 9.15 7.11
CA THR A 222 30.04 9.73 8.12
C THR A 222 31.10 10.62 7.43
N GLY A 223 31.55 10.21 6.24
CA GLY A 223 32.62 10.94 5.52
C GLY A 223 32.19 11.82 4.37
N THR A 224 30.91 11.72 3.98
CA THR A 224 30.41 12.49 2.87
C THR A 224 28.91 12.81 3.05
N ASP A 225 28.47 13.88 2.40
CA ASP A 225 27.13 14.38 2.62
C ASP A 225 26.08 13.54 1.90
N LEU A 226 24.94 13.38 2.57
CA LEU A 226 23.74 12.89 1.92
C LEU A 226 22.79 14.06 1.66
N ILE A 227 22.52 14.35 0.40
CA ILE A 227 21.73 15.51 0.06
C ILE A 227 20.32 15.06 -0.23
N VAL A 228 19.35 15.60 0.50
CA VAL A 228 17.94 15.24 0.31
C VAL A 228 17.18 16.46 -0.18
N THR A 229 16.56 16.31 -1.36
CA THR A 229 15.73 17.35 -1.93
C THR A 229 14.28 16.83 -1.99
N PRO A 230 13.52 16.97 -0.88
CA PRO A 230 12.34 16.12 -0.72
C PRO A 230 11.05 16.66 -1.34
N PHE A 231 11.11 17.88 -1.89
CA PHE A 231 9.95 18.48 -2.54
C PHE A 231 10.13 18.51 -4.05
N ALA A 232 9.33 17.73 -4.77
CA ALA A 232 9.48 17.61 -6.22
C ALA A 232 9.26 18.94 -6.96
N ASP A 233 8.40 19.80 -6.42
CA ASP A 233 8.13 21.08 -7.07
C ASP A 233 9.07 22.21 -6.59
N ARG A 234 9.87 21.91 -5.56
CA ARG A 234 10.88 22.87 -5.06
C ARG A 234 12.28 22.26 -5.03
N PRO A 235 12.91 22.09 -6.21
CA PRO A 235 14.19 21.41 -6.30
C PRO A 235 15.32 22.13 -5.59
N ASP A 236 15.16 23.42 -5.32
CA ASP A 236 16.23 24.17 -4.67
C ASP A 236 16.25 24.01 -3.14
N VAL A 237 15.21 23.41 -2.57
CA VAL A 237 15.15 23.20 -1.13
C VAL A 237 15.91 21.92 -0.77
N ARG A 238 17.03 22.07 -0.06
CA ARG A 238 17.90 20.91 0.19
C ARG A 238 18.16 20.80 1.66
N TYR A 239 18.28 19.56 2.13
CA TYR A 239 18.82 19.31 3.46
C TYR A 239 20.04 18.41 3.34
N THR A 240 21.04 18.71 4.16
CA THR A 240 22.32 18.01 4.09
C THR A 240 22.46 17.13 5.30
N GLY A 241 22.67 15.84 5.05
CA GLY A 241 22.81 14.86 6.13
C GLY A 241 24.22 14.37 6.30
N ARG A 242 24.64 14.26 7.56
CA ARG A 242 25.95 13.72 7.87
C ARG A 242 25.85 12.95 9.18
N VAL A 243 26.53 11.80 9.26
CA VAL A 243 26.52 11.01 10.47
C VAL A 243 27.65 11.46 11.40
N SER A 244 27.28 11.81 12.62
CA SER A 244 28.25 11.97 13.70
C SER A 244 27.68 11.44 15.00
N GLY A 245 28.53 10.79 15.80
CA GLY A 245 28.10 10.19 17.08
C GLY A 245 27.05 9.12 16.86
N GLY A 246 27.11 8.49 15.69
CA GLY A 246 26.19 7.43 15.37
C GLY A 246 24.83 7.88 14.89
N VAL A 247 24.66 9.20 14.74
CA VAL A 247 23.33 9.78 14.42
C VAL A 247 23.41 10.53 13.10
N LEU A 248 22.46 10.30 12.21
CA LEU A 248 22.40 11.01 10.94
C LEU A 248 21.65 12.32 11.15
N ARG A 249 22.35 13.44 11.00
CA ARG A 249 21.78 14.75 11.34
C ARG A 249 21.63 15.56 10.09
N PHE A 250 20.44 16.13 9.89
CA PHE A 250 20.18 16.94 8.71
C PHE A 250 20.14 18.41 9.03
N THR A 251 20.83 19.19 8.23
CA THR A 251 20.91 20.64 8.41
C THR A 251 20.23 21.32 7.22
N ASP A 252 19.52 22.42 7.48
CA ASP A 252 18.90 23.17 6.39
C ASP A 252 19.83 24.23 5.82
N GLY A 253 19.35 24.95 4.81
CA GLY A 253 20.17 25.94 4.11
C GLY A 253 20.69 27.03 5.05
N SER A 254 19.93 27.26 6.13
CA SER A 254 20.29 28.28 7.12
C SER A 254 21.36 27.80 8.10
N GLY A 255 21.61 26.49 8.12
CA GLY A 255 22.66 25.91 8.98
C GLY A 255 22.13 25.25 10.24
N ALA A 256 20.82 25.26 10.41
CA ALA A 256 20.17 24.67 11.60
C ALA A 256 20.05 23.16 11.43
N VAL A 257 20.33 22.40 12.50
CA VAL A 257 19.97 20.95 12.51
C VAL A 257 18.46 20.83 12.71
N VAL A 258 17.78 20.24 11.73
CA VAL A 258 16.32 20.30 11.72
C VAL A 258 15.66 18.95 12.03
N THR A 259 16.38 17.86 11.78
CA THR A 259 15.90 16.53 12.18
C THR A 259 17.09 15.55 12.24
N THR A 260 16.96 14.51 13.05
CA THR A 260 18.04 13.51 13.22
C THR A 260 17.48 12.10 13.17
N PHE A 261 18.27 11.16 12.68
CA PHE A 261 17.85 9.75 12.58
C PHE A 261 18.82 8.85 13.28
N GLN A 262 18.29 7.99 14.15
CA GLN A 262 19.05 6.85 14.70
C GLN A 262 19.11 5.75 13.67
N LYS A 263 20.09 4.84 13.78
CA LYS A 263 20.18 3.73 12.83
C LYS A 263 18.88 2.94 12.89
N PRO A 264 18.19 2.82 11.74
CA PRO A 264 16.92 2.11 11.64
C PRO A 264 17.06 0.57 11.69
N ASP A 265 15.97 -0.11 12.00
CA ASP A 265 15.93 -1.57 11.94
C ASP A 265 14.95 -1.98 10.85
N ALA A 266 14.64 -3.27 10.79
CA ALA A 266 13.82 -3.81 9.68
C ALA A 266 12.41 -3.31 9.71
N SER A 267 11.77 -3.31 10.87
CA SER A 267 10.40 -2.83 10.97
C SER A 267 10.34 -1.35 10.56
N SER A 268 11.33 -0.57 10.98
CA SER A 268 11.35 0.87 10.67
C SER A 268 11.42 1.07 9.18
N VAL A 269 12.28 0.31 8.52
CA VAL A 269 12.44 0.45 7.08
C VAL A 269 11.19 -0.05 6.34
N PHE A 270 10.81 -1.31 6.61
CA PHE A 270 9.73 -1.95 5.86
C PHE A 270 8.38 -1.30 6.11
N GLY A 271 8.20 -0.77 7.30
CA GLY A 271 6.93 -0.13 7.67
C GLY A 271 6.93 1.37 7.49
N CYS A 272 8.08 1.94 7.09
CA CYS A 272 8.21 3.42 6.98
C CYS A 272 7.69 4.11 8.24
N HIS A 273 8.20 3.68 9.38
CA HIS A 273 7.67 4.12 10.66
C HIS A 273 8.70 3.88 11.76
N ARG A 274 8.28 4.12 13.03
CA ARG A 274 9.14 3.92 14.19
C ARG A 274 10.36 4.82 14.14
N LEU A 275 11.56 4.28 13.86
CA LEU A 275 12.76 5.13 13.77
C LEU A 275 12.78 5.92 12.47
N LEU A 276 11.93 5.52 11.52
CA LEU A 276 11.74 6.27 10.30
C LEU A 276 10.32 6.87 10.23
N ASP A 277 9.79 7.29 11.38
CA ASP A 277 8.50 8.00 11.38
C ASP A 277 8.54 9.19 10.45
N ALA A 278 7.42 9.45 9.78
CA ALA A 278 7.31 10.55 8.83
C ALA A 278 6.11 11.44 9.17
N PRO A 279 6.24 12.25 10.24
CA PRO A 279 5.06 13.04 10.66
C PRO A 279 4.69 14.09 9.60
N VAL A 283 9.36 19.37 9.43
CA VAL A 283 10.15 19.18 8.20
C VAL A 283 10.66 17.74 8.11
N ARG A 284 10.62 17.03 9.22
CA ARG A 284 11.10 15.64 9.25
C ARG A 284 10.34 14.76 8.24
N GLY A 285 9.03 15.00 8.12
CA GLY A 285 8.20 14.08 7.33
C GLY A 285 8.74 13.87 5.92
N PRO A 286 8.86 14.96 5.13
CA PRO A 286 9.34 14.83 3.75
C PRO A 286 10.74 14.21 3.68
N ILE A 287 11.57 14.46 4.67
CA ILE A 287 12.95 13.94 4.65
C ILE A 287 12.89 12.45 4.91
N SER A 288 12.11 12.09 5.92
CA SER A 288 11.93 10.68 6.29
C SER A 288 11.37 9.88 5.13
N ARG A 289 10.36 10.45 4.45
CA ARG A 289 9.78 9.82 3.26
C ARG A 289 10.85 9.48 2.22
N THR A 290 11.69 10.45 1.89
CA THR A 290 12.79 10.22 0.95
C THR A 290 13.74 9.11 1.42
N LEU A 291 14.14 9.15 2.70
CA LEU A 291 15.05 8.13 3.25
C LEU A 291 14.41 6.75 3.23
N CYS A 292 13.14 6.69 3.58
CA CYS A 292 12.40 5.42 3.58
C CYS A 292 12.47 4.74 2.23
N ALA A 293 12.20 5.49 1.17
CA ALA A 293 12.19 4.93 -0.18
C ALA A 293 13.62 4.50 -0.57
N GLY A 294 14.60 5.30 -0.15
CA GLY A 294 16.02 5.00 -0.38
C GLY A 294 16.47 3.70 0.28
N PHE A 295 15.99 3.44 1.49
CA PHE A 295 16.33 2.18 2.17
C PHE A 295 15.60 0.99 1.55
N ASN A 296 14.31 1.14 1.27
CA ASN A 296 13.53 0.02 0.66
C ASN A 296 14.03 -0.36 -0.74
N ARG A 297 14.44 0.64 -1.50
CA ARG A 297 14.96 0.43 -2.86
C ARG A 297 16.47 0.22 -2.88
N THR A 298 17.09 0.30 -1.69
CA THR A 298 18.54 0.23 -1.51
C THR A 298 19.34 1.08 -2.49
N THR A 299 19.02 2.37 -2.52
CA THR A 299 19.75 3.31 -3.40
C THR A 299 20.60 4.31 -2.65
N LEU A 300 20.54 4.29 -1.32
CA LEU A 300 21.23 5.33 -0.51
C LEU A 300 22.74 5.28 -0.65
N LEU A 301 23.30 4.09 -0.69
CA LEU A 301 24.73 3.93 -0.86
C LEU A 301 25.18 4.43 -2.21
N ALA A 302 24.44 4.08 -3.24
CA ALA A 302 24.83 4.33 -4.62
C ALA A 302 24.59 5.78 -5.04
N ASN A 303 23.58 6.42 -4.45
CA ASN A 303 23.17 7.75 -4.91
C ASN A 303 23.03 8.74 -3.74
N PRO A 304 24.02 9.64 -3.58
CA PRO A 304 23.99 10.60 -2.46
C PRO A 304 23.08 11.79 -2.72
N HIS A 305 22.44 11.85 -3.89
CA HIS A 305 21.50 12.93 -4.13
C HIS A 305 20.11 12.38 -4.24
N GLN A 306 19.40 12.40 -3.13
CA GLN A 306 18.10 11.68 -3.02
C GLN A 306 16.95 12.67 -3.06
N PRO A 307 15.79 12.25 -3.58
CA PRO A 307 15.47 10.93 -4.12
C PRO A 307 16.04 10.69 -5.50
N ASP A 308 16.17 9.41 -5.84
CA ASP A 308 16.54 8.99 -7.18
C ASP A 308 15.70 9.62 -8.29
N ARG A 309 16.35 9.92 -9.42
CA ARG A 309 15.68 10.53 -10.57
C ARG A 309 15.07 9.49 -11.51
N SER A 310 15.48 8.23 -11.37
CA SER A 310 14.87 7.12 -12.12
C SER A 310 14.91 5.83 -11.31
N ALA A 311 14.24 4.80 -11.82
CA ALA A 311 14.14 3.51 -11.13
C ALA A 311 15.26 2.53 -11.51
N ALA A 312 16.13 2.93 -12.44
CA ALA A 312 17.15 2.01 -12.98
C ALA A 312 18.01 1.30 -11.93
N GLY A 313 18.34 2.01 -10.86
CA GLY A 313 19.21 1.44 -9.83
C GLY A 313 18.48 0.84 -8.63
N PHE A 314 17.15 0.69 -8.71
CA PHE A 314 16.36 0.15 -7.58
C PHE A 314 16.63 -1.35 -7.39
N TYR A 315 16.68 -1.78 -6.13
CA TYR A 315 16.62 -3.20 -5.76
C TYR A 315 17.78 -4.03 -6.32
N GLN A 316 18.97 -3.45 -6.36
CA GLN A 316 20.12 -4.16 -6.94
C GLN A 316 20.98 -4.85 -5.88
N GLU A 317 20.85 -4.41 -4.64
CA GLU A 317 21.57 -5.05 -3.53
C GLU A 317 21.03 -6.46 -3.26
N PRO A 318 21.93 -7.37 -2.88
CA PRO A 318 21.49 -8.74 -2.57
C PRO A 318 20.46 -8.82 -1.42
N VAL A 319 20.59 -7.96 -0.42
CA VAL A 319 19.50 -7.77 0.58
C VAL A 319 18.84 -6.41 0.37
N THR A 320 17.53 -6.44 0.14
CA THR A 320 16.78 -5.25 -0.27
C THR A 320 15.33 -5.61 0.06
N ASN A 321 14.39 -4.71 -0.22
CA ASN A 321 12.99 -5.10 -0.11
C ASN A 321 12.56 -5.97 -1.28
N HIS A 322 12.80 -7.26 -1.14
CA HIS A 322 12.54 -8.19 -2.21
C HIS A 322 11.07 -8.30 -2.56
N TYR A 323 10.21 -8.14 -1.57
CA TYR A 323 8.75 -8.16 -1.81
C TYR A 323 8.35 -7.04 -2.79
N ALA A 324 8.80 -5.82 -2.51
CA ALA A 324 8.60 -4.70 -3.42
C ALA A 324 9.26 -4.92 -4.80
N ARG A 325 10.50 -5.42 -4.81
CA ARG A 325 11.23 -5.69 -6.08
C ARG A 325 10.41 -6.62 -6.96
N ILE A 326 9.98 -7.72 -6.36
CA ILE A 326 9.27 -8.78 -7.08
C ILE A 326 7.92 -8.29 -7.61
N ILE A 327 7.18 -7.58 -6.77
CA ILE A 327 5.89 -7.07 -7.21
C ILE A 327 6.03 -6.07 -8.38
N HIS A 328 6.94 -5.10 -8.26
CA HIS A 328 7.14 -4.15 -9.34
C HIS A 328 7.49 -4.87 -10.63
N ALA A 329 8.32 -5.89 -10.53
CA ALA A 329 8.80 -6.60 -11.72
C ALA A 329 7.65 -7.33 -12.43
N HIS A 330 6.60 -7.67 -11.67
CA HIS A 330 5.45 -8.42 -12.20
C HIS A 330 4.23 -7.58 -12.56
N MET A 331 4.33 -6.27 -12.37
CA MET A 331 3.24 -5.36 -12.70
C MET A 331 3.40 -4.88 -14.13
N ALA A 332 2.30 -4.90 -14.88
CA ALA A 332 2.35 -4.50 -16.31
C ALA A 332 2.95 -3.10 -16.55
N ASP A 333 2.57 -2.12 -15.72
CA ASP A 333 3.09 -0.74 -15.87
C ASP A 333 4.31 -0.45 -14.96
N GLY A 334 4.83 -1.48 -14.31
CA GLY A 334 5.98 -1.36 -13.45
C GLY A 334 5.73 -0.62 -12.13
N LYS A 335 4.49 -0.16 -11.92
CA LYS A 335 4.15 0.59 -10.71
C LYS A 335 3.48 -0.31 -9.72
N ALA A 336 3.66 0.00 -8.44
CA ALA A 336 3.07 -0.78 -7.38
C ALA A 336 3.09 0.05 -6.10
N TYR A 337 2.40 -0.45 -5.08
CA TYR A 337 2.50 0.14 -3.76
C TYR A 337 3.09 -0.93 -2.84
N GLY A 338 4.38 -1.17 -3.03
CA GLY A 338 5.07 -2.26 -2.37
C GLY A 338 5.47 -1.93 -0.96
N PHE A 339 5.61 -0.64 -0.67
CA PHE A 339 5.83 -0.14 0.69
C PHE A 339 5.22 1.24 0.77
N ALA A 340 5.08 1.77 1.97
CA ALA A 340 4.21 2.94 2.18
C ALA A 340 4.59 4.17 1.32
N PHE A 341 5.88 4.33 1.06
CA PHE A 341 6.35 5.52 0.30
C PHE A 341 6.87 5.22 -1.08
N ASP A 342 6.29 4.20 -1.70
CA ASP A 342 6.53 3.92 -3.12
C ASP A 342 6.11 5.10 -4.05
N ASP A 343 5.37 6.06 -3.52
CA ASP A 343 5.01 7.27 -4.28
C ASP A 343 6.18 8.22 -4.47
N VAL A 344 7.26 8.04 -3.70
CA VAL A 344 8.50 8.79 -3.96
C VAL A 344 9.02 8.47 -5.37
N GLY A 345 9.17 9.50 -6.20
CA GLY A 345 9.58 9.30 -7.60
C GLY A 345 8.43 8.83 -8.49
N HIS A 346 7.22 8.84 -7.95
CA HIS A 346 6.00 8.52 -8.69
C HIS A 346 6.03 7.12 -9.28
N HIS A 347 6.26 6.12 -8.42
CA HIS A 347 6.31 4.73 -8.86
C HIS A 347 5.16 3.94 -8.32
N GLU A 348 4.17 4.64 -7.77
CA GLU A 348 3.06 3.96 -7.10
C GLU A 348 1.85 3.77 -8.01
N SER A 349 1.09 2.70 -7.75
CA SER A 349 -0.10 2.34 -8.56
C SER A 349 -1.32 3.10 -8.07
N LEU A 350 -1.33 4.40 -8.36
CA LEU A 350 -2.45 5.26 -8.03
C LEU A 350 -2.83 5.99 -9.28
N VAL A 351 -4.12 6.17 -9.51
CA VAL A 351 -4.56 7.11 -10.57
C VAL A 351 -5.53 8.13 -9.98
N HIS A 352 -5.59 9.31 -10.61
CA HIS A 352 -6.39 10.42 -10.07
C HIS A 352 -6.96 11.26 -11.21
N ASP A 353 -8.08 11.93 -10.96
CA ASP A 353 -8.51 13.01 -11.86
C ASP A 353 -9.28 14.01 -11.07
N GLY A 354 -9.21 15.27 -11.51
CA GLY A 354 -9.90 16.36 -10.82
C GLY A 354 -11.40 16.48 -11.10
N ASP A 355 -11.86 15.85 -12.20
CA ASP A 355 -13.28 15.95 -12.59
C ASP A 355 -13.77 14.60 -13.10
N PRO A 356 -13.72 13.59 -12.24
CA PRO A 356 -13.87 12.19 -12.67
C PRO A 356 -15.15 11.80 -13.42
N ARG A 357 -16.31 11.88 -12.83
CA ARG A 357 -17.42 11.13 -13.57
C ARG A 357 -17.47 9.54 -13.72
N GLY A 358 -16.36 8.79 -13.55
CA GLY A 358 -16.50 7.35 -13.27
C GLY A 358 -15.25 6.67 -12.78
N ALA A 359 -15.41 5.50 -12.17
CA ALA A 359 -14.22 4.70 -11.79
C ALA A 359 -14.49 3.24 -12.08
N SER A 360 -13.45 2.43 -12.02
CA SER A 360 -13.54 1.02 -12.28
C SER A 360 -12.71 0.21 -11.29
N LEU A 361 -13.21 -0.98 -11.01
CA LEU A 361 -12.47 -2.00 -10.27
C LEU A 361 -12.68 -3.31 -11.01
N THR A 362 -11.60 -3.92 -11.45
CA THR A 362 -11.69 -5.19 -12.15
C THR A 362 -11.04 -6.28 -11.31
N LEU A 363 -11.80 -7.33 -11.04
CA LEU A 363 -11.28 -8.50 -10.33
C LEU A 363 -10.52 -9.34 -11.36
N ASP A 364 -9.22 -9.45 -11.19
CA ASP A 364 -8.36 -10.06 -12.21
C ASP A 364 -8.17 -11.55 -12.00
N PRO A 365 -7.76 -12.26 -13.07
CA PRO A 365 -7.56 -13.72 -12.95
C PRO A 365 -6.34 -14.08 -12.11
N PHE A 366 -6.34 -15.28 -11.56
CA PHE A 366 -5.29 -15.72 -10.66
C PHE A 366 -4.14 -16.38 -11.45
N ASP A 367 -3.52 -15.58 -12.30
CA ASP A 367 -2.60 -16.06 -13.32
C ASP A 367 -1.17 -15.61 -12.98
#